data_5EWV
#
_entry.id   5EWV
#
_cell.length_a   60.620
_cell.length_b   60.620
_cell.length_c   63.810
_cell.angle_alpha   90.00
_cell.angle_beta   90.00
_cell.angle_gamma   120.00
#
_symmetry.space_group_name_H-M   'P 32 2 1'
#
loop_
_entity.id
_entity.type
_entity.pdbx_description
1 polymer Peregrin
2 non-polymer 1,5-dimethyl-[1,2,4]triazolo[4,3-a]quinoline
3 non-polymer 'NITRATE ION'
4 water water
#
_entity_poly.entity_id   1
_entity_poly.type   'polypeptide(L)'
_entity_poly.pdbx_seq_one_letter_code
;SMEMQLTPFLILLRKTLEQLQEKDTGNIFSEPVPLSEVPDYLDHIKKPMDFFTMKQNLEAYRYLNFDDFEEDFNLIVSNC
LKYNAKDTIFYRAAVRLREQGGAVLRQARRQAEKMG
;
_entity_poly.pdbx_strand_id   A
#
# COMPACT_ATOMS: atom_id res chain seq x y z
N GLU A 3 2.88 -20.97 9.20
CA GLU A 3 2.84 -21.77 10.42
C GLU A 3 2.75 -20.86 11.65
N MET A 4 1.67 -20.08 11.72
CA MET A 4 1.45 -19.18 12.84
C MET A 4 -0.05 -19.03 13.06
N GLN A 5 -0.41 -18.28 14.10
CA GLN A 5 -1.81 -17.99 14.40
C GLN A 5 -2.30 -16.83 13.55
N LEU A 6 -3.55 -16.92 13.09
CA LEU A 6 -4.08 -15.91 12.19
C LEU A 6 -4.27 -14.57 12.91
N THR A 7 -4.85 -14.60 14.11
CA THR A 7 -5.26 -13.36 14.76
C THR A 7 -4.10 -12.39 15.01
N PRO A 8 -2.97 -12.79 15.60
CA PRO A 8 -1.89 -11.81 15.81
C PRO A 8 -1.29 -11.27 14.53
N PHE A 9 -1.25 -12.10 13.49
CA PHE A 9 -0.73 -11.63 12.20
C PHE A 9 -1.62 -10.53 11.63
N LEU A 10 -2.94 -10.71 11.71
CA LEU A 10 -3.82 -9.69 11.15
C LEU A 10 -3.77 -8.42 11.97
N ILE A 11 -3.61 -8.56 13.30
CA ILE A 11 -3.40 -7.38 14.15
C ILE A 11 -2.16 -6.62 13.71
N LEU A 12 -1.09 -7.35 13.39
CA LEU A 12 0.14 -6.71 12.94
C LEU A 12 -0.05 -6.02 11.59
N LEU A 13 -0.75 -6.68 10.66
CA LEU A 13 -0.99 -6.02 9.37
C LEU A 13 -1.85 -4.79 9.54
N ARG A 14 -2.82 -4.82 10.46
CA ARG A 14 -3.65 -3.64 10.69
C ARG A 14 -2.81 -2.48 11.19
N LYS A 15 -1.93 -2.74 12.17
CA LYS A 15 -1.06 -1.68 12.67
C LYS A 15 -0.11 -1.17 11.58
N THR A 16 0.41 -2.09 10.77
CA THR A 16 1.33 -1.72 9.71
C THR A 16 0.64 -0.85 8.67
N LEU A 17 -0.58 -1.23 8.29
CA LEU A 17 -1.34 -0.43 7.33
C LEU A 17 -1.60 0.97 7.88
N GLU A 18 -1.90 1.09 9.17
CA GLU A 18 -2.08 2.41 9.76
C GLU A 18 -0.78 3.23 9.69
N GLN A 19 0.37 2.57 9.92
CA GLN A 19 1.64 3.29 9.89
C GLN A 19 1.99 3.75 8.48
N LEU A 20 1.63 2.95 7.48
CA LEU A 20 1.86 3.37 6.11
C LEU A 20 0.97 4.54 5.75
N GLN A 21 -0.30 4.49 6.17
CA GLN A 21 -1.20 5.61 5.88
C GLN A 21 -0.69 6.89 6.50
N GLU A 22 -0.07 6.79 7.68
CA GLU A 22 0.49 7.97 8.34
C GLU A 22 1.55 8.67 7.50
N LYS A 23 2.26 7.91 6.65
CA LYS A 23 3.30 8.48 5.79
C LYS A 23 2.73 9.25 4.61
N ASP A 24 1.51 8.89 4.19
CA ASP A 24 0.78 9.56 3.12
C ASP A 24 0.01 10.72 3.75
N THR A 25 0.75 11.80 4.04
CA THR A 25 0.16 12.91 4.78
C THR A 25 -0.87 13.67 3.96
N GLY A 26 -0.73 13.69 2.64
CA GLY A 26 -1.74 14.29 1.81
C GLY A 26 -2.95 13.44 1.55
N ASN A 27 -2.96 12.20 2.06
CA ASN A 27 -4.06 11.27 1.82
C ASN A 27 -4.33 11.07 0.33
N ILE A 28 -3.28 11.11 -0.49
CA ILE A 28 -3.54 10.97 -1.91
C ILE A 28 -3.67 9.52 -2.30
N PHE A 29 -3.28 8.60 -1.42
CA PHE A 29 -3.39 7.17 -1.67
C PHE A 29 -4.45 6.51 -0.79
N SER A 30 -5.28 7.29 -0.10
CA SER A 30 -6.25 6.73 0.85
CA SER A 30 -6.24 6.73 0.85
C SER A 30 -7.39 6.02 0.15
N GLU A 31 -7.80 6.48 -1.02
CA GLU A 31 -8.95 5.94 -1.71
C GLU A 31 -8.58 5.69 -3.17
N PRO A 32 -9.39 4.92 -3.89
CA PRO A 32 -9.05 4.64 -5.30
C PRO A 32 -8.91 5.93 -6.09
N VAL A 33 -7.98 5.93 -7.04
CA VAL A 33 -7.83 7.05 -7.98
C VAL A 33 -9.20 7.27 -8.62
N PRO A 34 -9.77 8.48 -8.54
CA PRO A 34 -11.12 8.70 -9.08
C PRO A 34 -11.19 8.56 -10.58
N LEU A 35 -11.68 7.41 -11.05
CA LEU A 35 -11.74 7.17 -12.49
C LEU A 35 -12.64 8.17 -13.20
N SER A 36 -13.63 8.74 -12.50
CA SER A 36 -14.47 9.77 -13.11
C SER A 36 -13.70 11.06 -13.36
N GLU A 37 -12.58 11.27 -12.66
CA GLU A 37 -11.73 12.42 -12.92
C GLU A 37 -10.52 12.09 -13.77
N VAL A 38 -10.15 10.82 -13.85
CA VAL A 38 -8.99 10.38 -14.62
C VAL A 38 -9.45 9.31 -15.60
N PRO A 39 -10.14 9.68 -16.68
CA PRO A 39 -10.77 8.67 -17.54
C PRO A 39 -9.79 7.75 -18.26
N ASP A 40 -8.53 8.16 -18.44
CA ASP A 40 -7.55 7.35 -19.14
C ASP A 40 -6.70 6.51 -18.18
N TYR A 41 -7.06 6.45 -16.90
CA TYR A 41 -6.19 5.83 -15.91
C TYR A 41 -6.09 4.32 -16.14
N LEU A 42 -7.22 3.66 -16.37
CA LEU A 42 -7.20 2.21 -16.58
C LEU A 42 -6.53 1.81 -17.89
N ASP A 43 -6.29 2.77 -18.80
CA ASP A 43 -5.59 2.44 -20.04
C ASP A 43 -4.15 1.99 -19.77
N HIS A 44 -3.52 2.54 -18.74
CA HIS A 44 -2.14 2.22 -18.42
C HIS A 44 -1.99 1.35 -17.17
N ILE A 45 -2.93 1.43 -16.24
CA ILE A 45 -2.81 0.81 -14.93
C ILE A 45 -3.69 -0.44 -14.92
N LYS A 46 -3.06 -1.62 -14.97
CA LYS A 46 -3.85 -2.84 -15.05
C LYS A 46 -4.50 -3.21 -13.73
N LYS A 47 -3.88 -2.86 -12.60
CA LYS A 47 -4.46 -3.15 -11.29
C LYS A 47 -4.34 -1.93 -10.38
N PRO A 48 -5.38 -1.11 -10.29
CA PRO A 48 -5.38 0.00 -9.33
C PRO A 48 -5.31 -0.50 -7.90
N MET A 49 -4.71 0.32 -7.02
CA MET A 49 -4.65 -0.04 -5.61
C MET A 49 -4.61 1.23 -4.77
N ASP A 50 -5.03 1.09 -3.51
CA ASP A 50 -5.11 2.20 -2.56
C ASP A 50 -5.27 1.61 -1.16
N PHE A 51 -5.11 2.47 -0.15
CA PHE A 51 -5.12 1.96 1.22
C PHE A 51 -6.49 1.49 1.66
N PHE A 52 -7.57 2.09 1.15
CA PHE A 52 -8.90 1.63 1.53
C PHE A 52 -9.16 0.24 0.97
N THR A 53 -8.78 0.01 -0.29
CA THR A 53 -8.88 -1.33 -0.85
C THR A 53 -8.02 -2.32 -0.07
N MET A 54 -6.80 -1.92 0.31
CA MET A 54 -5.96 -2.81 1.11
C MET A 54 -6.64 -3.18 2.41
N LYS A 55 -7.28 -2.20 3.06
CA LYS A 55 -8.01 -2.50 4.29
C LYS A 55 -9.11 -3.52 4.06
N GLN A 56 -9.87 -3.37 2.97
N GLN A 56 -9.88 -3.37 2.98
CA GLN A 56 -10.92 -4.36 2.68
CA GLN A 56 -10.92 -4.34 2.66
C GLN A 56 -10.33 -5.73 2.41
C GLN A 56 -10.33 -5.72 2.40
N ASN A 57 -9.22 -5.77 1.65
CA ASN A 57 -8.57 -7.06 1.38
C ASN A 57 -8.06 -7.70 2.66
N LEU A 58 -7.43 -6.91 3.53
CA LEU A 58 -6.96 -7.41 4.82
C LEU A 58 -8.09 -8.12 5.57
N GLU A 59 -9.24 -7.45 5.71
CA GLU A 59 -10.35 -8.04 6.43
C GLU A 59 -11.00 -9.20 5.68
N ALA A 60 -10.83 -9.25 4.36
CA ALA A 60 -11.34 -10.34 3.56
C ALA A 60 -10.40 -11.54 3.51
N TYR A 61 -9.32 -11.49 4.32
CA TYR A 61 -8.33 -12.56 4.42
C TYR A 61 -7.54 -12.74 3.12
N ARG A 62 -7.43 -11.70 2.31
CA ARG A 62 -6.61 -11.82 1.11
C ARG A 62 -5.12 -11.75 1.41
N TYR A 63 -4.74 -11.40 2.64
CA TYR A 63 -3.32 -11.22 3.01
C TYR A 63 -2.97 -12.20 4.11
N LEU A 64 -2.46 -13.37 3.74
CA LEU A 64 -2.10 -14.39 4.69
C LEU A 64 -0.61 -14.57 4.83
N ASN A 65 0.17 -13.74 4.14
CA ASN A 65 1.62 -13.70 4.34
C ASN A 65 2.03 -12.27 4.08
N PHE A 66 3.24 -11.93 4.52
CA PHE A 66 3.63 -10.53 4.39
C PHE A 66 3.81 -10.13 2.95
N ASP A 67 4.26 -11.05 2.09
CA ASP A 67 4.54 -10.69 0.70
C ASP A 67 3.29 -10.20 -0.02
N ASP A 68 2.14 -10.81 0.23
CA ASP A 68 0.96 -10.38 -0.51
C ASP A 68 0.50 -9.02 -0.05
N PHE A 69 0.70 -8.69 1.23
CA PHE A 69 0.43 -7.35 1.73
C PHE A 69 1.38 -6.35 1.09
N GLU A 70 2.67 -6.67 1.10
CA GLU A 70 3.66 -5.76 0.54
C GLU A 70 3.49 -5.59 -0.96
N GLU A 71 3.03 -6.65 -1.66
CA GLU A 71 2.80 -6.55 -3.10
C GLU A 71 1.75 -5.47 -3.41
N ASP A 72 0.68 -5.41 -2.63
CA ASP A 72 -0.35 -4.41 -2.93
C ASP A 72 0.14 -3.02 -2.56
N PHE A 73 0.93 -2.89 -1.49
CA PHE A 73 1.54 -1.60 -1.20
C PHE A 73 2.43 -1.15 -2.34
N ASN A 74 3.25 -2.06 -2.86
CA ASN A 74 4.13 -1.71 -3.97
C ASN A 74 3.34 -1.29 -5.19
N LEU A 75 2.14 -1.84 -5.38
CA LEU A 75 1.29 -1.40 -6.49
C LEU A 75 0.86 0.05 -6.32
N ILE A 76 0.53 0.47 -5.08
CA ILE A 76 0.16 1.86 -4.86
C ILE A 76 1.26 2.77 -5.37
N VAL A 77 2.50 2.45 -4.99
CA VAL A 77 3.66 3.24 -5.40
C VAL A 77 3.89 3.14 -6.91
N SER A 78 3.98 1.92 -7.44
CA SER A 78 4.41 1.78 -8.83
CA SER A 78 4.39 1.76 -8.83
C SER A 78 3.35 2.30 -9.80
N ASN A 79 2.07 2.17 -9.47
CA ASN A 79 1.02 2.70 -10.34
C ASN A 79 1.18 4.20 -10.46
N CYS A 80 1.50 4.86 -9.35
CA CYS A 80 1.62 6.32 -9.34
C CYS A 80 2.86 6.79 -10.09
N LEU A 81 3.99 6.10 -9.91
CA LEU A 81 5.18 6.42 -10.69
C LEU A 81 4.94 6.24 -12.18
N LYS A 82 4.19 5.20 -12.53
CA LYS A 82 3.95 4.94 -13.94
C LYS A 82 3.04 6.01 -14.56
N TYR A 83 1.95 6.36 -13.87
CA TYR A 83 0.94 7.23 -14.49
C TYR A 83 1.39 8.68 -14.58
N ASN A 84 2.20 9.15 -13.62
CA ASN A 84 2.47 10.57 -13.50
C ASN A 84 3.88 10.94 -13.94
N ALA A 85 4.01 12.13 -14.51
CA ALA A 85 5.31 12.63 -14.92
C ALA A 85 6.20 12.90 -13.71
N LYS A 86 7.51 12.90 -13.93
CA LYS A 86 8.46 12.97 -12.82
C LYS A 86 8.41 14.32 -12.11
N ASP A 87 8.04 15.39 -12.81
CA ASP A 87 8.00 16.70 -12.18
C ASP A 87 6.66 17.02 -11.55
N THR A 88 5.93 16.01 -11.07
CA THR A 88 4.65 16.26 -10.44
C THR A 88 4.74 15.96 -8.95
N ILE A 89 3.83 16.56 -8.20
CA ILE A 89 3.71 16.23 -6.77
C ILE A 89 3.36 14.76 -6.59
N PHE A 90 2.46 14.22 -7.42
CA PHE A 90 2.08 12.82 -7.29
C PHE A 90 3.30 11.92 -7.40
N TYR A 91 4.12 12.12 -8.44
CA TYR A 91 5.27 11.25 -8.62
C TYR A 91 6.21 11.35 -7.42
N ARG A 92 6.47 12.57 -6.93
CA ARG A 92 7.39 12.69 -5.81
C ARG A 92 6.80 12.10 -4.54
N ALA A 93 5.48 12.20 -4.38
CA ALA A 93 4.82 11.61 -3.21
C ALA A 93 4.96 10.10 -3.22
N ALA A 94 4.89 9.49 -4.41
CA ALA A 94 5.08 8.04 -4.49
C ALA A 94 6.51 7.66 -4.15
N VAL A 95 7.49 8.46 -4.60
CA VAL A 95 8.87 8.18 -4.21
C VAL A 95 9.03 8.28 -2.71
N ARG A 96 8.47 9.33 -2.12
CA ARG A 96 8.59 9.50 -0.68
C ARG A 96 7.91 8.35 0.06
N LEU A 97 6.74 7.93 -0.42
CA LEU A 97 6.05 6.81 0.22
C LEU A 97 6.85 5.52 0.08
N ARG A 98 7.47 5.31 -1.08
CA ARG A 98 8.32 4.14 -1.25
C ARG A 98 9.43 4.12 -0.22
N GLU A 99 10.06 5.29 0.00
CA GLU A 99 11.18 5.40 0.93
C GLU A 99 10.70 5.22 2.36
N GLN A 100 9.72 6.02 2.77
CA GLN A 100 9.28 5.97 4.17
C GLN A 100 8.49 4.69 4.45
N GLY A 101 7.71 4.21 3.50
CA GLY A 101 6.99 2.97 3.67
C GLY A 101 7.91 1.76 3.73
N GLY A 102 9.00 1.77 2.98
CA GLY A 102 9.92 0.64 3.02
C GLY A 102 10.45 0.36 4.42
N ALA A 103 10.75 1.41 5.16
CA ALA A 103 11.21 1.25 6.53
C ALA A 103 10.12 0.67 7.43
N VAL A 104 8.89 1.15 7.27
CA VAL A 104 7.78 0.59 8.04
C VAL A 104 7.64 -0.89 7.75
N LEU A 105 7.79 -1.27 6.49
CA LEU A 105 7.54 -2.66 6.11
C LEU A 105 8.63 -3.59 6.60
N ARG A 106 9.89 -3.15 6.59
N ARG A 106 9.88 -3.13 6.59
CA ARG A 106 10.98 -4.00 7.05
CA ARG A 106 10.98 -3.99 7.05
C ARG A 106 10.82 -4.33 8.53
C ARG A 106 10.83 -4.32 8.53
N GLN A 107 10.49 -3.33 9.35
CA GLN A 107 10.30 -3.58 10.77
C GLN A 107 9.11 -4.52 11.00
N ALA A 108 8.03 -4.31 10.23
CA ALA A 108 6.84 -5.14 10.44
C ALA A 108 7.07 -6.57 9.99
N ARG A 109 7.82 -6.77 8.90
CA ARG A 109 8.10 -8.12 8.44
C ARG A 109 8.96 -8.88 9.45
N ARG A 110 9.92 -8.19 10.07
N ARG A 110 9.88 -8.19 10.11
CA ARG A 110 10.69 -8.81 11.14
CA ARG A 110 10.70 -8.85 11.12
C ARG A 110 9.78 -9.36 12.23
C ARG A 110 9.90 -9.24 12.36
N GLN A 111 8.76 -8.58 12.60
CA GLN A 111 7.87 -9.00 13.66
C GLN A 111 7.00 -10.18 13.23
N ALA A 112 6.58 -10.20 11.97
CA ALA A 112 5.88 -11.36 11.44
C ALA A 112 6.77 -12.60 11.49
N GLU A 113 8.08 -12.42 11.25
CA GLU A 113 9.00 -13.56 11.25
C GLU A 113 9.23 -14.12 12.64
N LYS A 114 8.91 -13.36 13.68
CA LYS A 114 8.96 -13.88 15.04
C LYS A 114 7.74 -14.71 15.39
N MET A 115 6.72 -14.72 14.54
CA MET A 115 5.49 -15.45 14.82
C MET A 115 5.60 -16.90 14.35
#